data_5I32
#
_entry.id   5I32
#
_cell.length_a   89.270
_cell.length_b   89.270
_cell.length_c   82.491
_cell.angle_alpha   90.00
_cell.angle_beta   90.00
_cell.angle_gamma   90.00
#
_symmetry.space_group_name_H-M   'I 4'
#
loop_
_entity.id
_entity.type
_entity.pdbx_description
1 polymer 'Aquaporin TIP2-1'
2 water water
#
_entity_poly.entity_id   1
_entity_poly.type   'polypeptide(L)'
_entity_poly.pdbx_seq_one_letter_code
;MSHHHHHHHHHHDSNGIPTENLYFQGAGVAFGSFDDSFSLASLRAYLAEFISTLLFVFAGVGSAIAYAKLTSDAALDTPG
LVAIAVCHGFALFVAVAIGANISGGHVNPAVTFGLAVGGQITVITGVFYWIAQLLGSTAACFLLKYVTGGLAVPTHSVAA
GLGSIEGVVMEIIITFALVYTVYATAADPKKGSLGTIAPLAIGLIVGANILAAGPFSGGSMNPARSFGPAVAAGDFSGHW
VYWVGPLIGGGLAGLIYGNVFMGSSEHVPLASADF
;
_entity_poly.pdbx_strand_id   A
#
# COMPACT_ATOMS: atom_id res chain seq x y z
N GLY A 26 4.59 7.51 -24.07
CA GLY A 26 3.57 7.04 -23.07
C GLY A 26 2.51 8.09 -22.77
N ALA A 27 1.39 7.66 -22.19
CA ALA A 27 0.29 8.56 -21.85
C ALA A 27 0.78 9.58 -20.85
N GLY A 28 0.33 10.81 -21.01
CA GLY A 28 0.64 11.88 -20.07
C GLY A 28 -0.27 11.89 -18.85
N VAL A 29 0.14 12.64 -17.84
CA VAL A 29 -0.74 12.96 -16.72
C VAL A 29 -2.00 13.66 -17.17
N ALA A 30 -3.11 13.22 -16.58
CA ALA A 30 -4.40 13.79 -16.88
C ALA A 30 -5.02 14.34 -15.60
N PHE A 31 -5.35 15.62 -15.56
CA PHE A 31 -5.87 16.21 -14.34
C PHE A 31 -7.27 15.72 -14.03
N GLY A 32 -8.07 15.50 -15.06
CA GLY A 32 -9.44 15.11 -14.89
C GLY A 32 -10.39 16.26 -14.66
N SER A 33 -11.59 15.92 -14.24
CA SER A 33 -12.62 16.90 -14.00
C SER A 33 -13.38 16.56 -12.76
N PHE A 34 -13.97 17.58 -12.16
CA PHE A 34 -14.85 17.39 -11.03
C PHE A 34 -16.07 16.58 -11.42
N ASP A 35 -16.64 16.84 -12.59
CA ASP A 35 -17.83 16.08 -12.96
C ASP A 35 -17.49 14.61 -12.94
N ASP A 36 -16.39 14.27 -13.61
CA ASP A 36 -16.02 12.87 -13.69
C ASP A 36 -15.74 12.30 -12.28
N SER A 37 -15.02 13.04 -11.48
CA SER A 37 -14.59 12.55 -10.16
C SER A 37 -15.71 12.54 -9.13
N PHE A 38 -16.86 13.13 -9.45
CA PHE A 38 -18.01 13.11 -8.55
C PHE A 38 -19.15 12.25 -9.11
N SER A 39 -18.93 11.57 -10.22
CA SER A 39 -19.92 10.67 -10.78
C SER A 39 -20.23 9.53 -9.78
N LEU A 40 -21.37 8.89 -9.95
CA LEU A 40 -21.70 7.73 -9.12
C LEU A 40 -20.65 6.64 -9.23
N ALA A 41 -20.14 6.38 -10.43
CA ALA A 41 -19.03 5.42 -10.58
C ALA A 41 -17.82 5.79 -9.73
N SER A 42 -17.46 7.06 -9.69
CA SER A 42 -16.34 7.52 -8.88
C SER A 42 -16.62 7.39 -7.40
N LEU A 43 -17.81 7.75 -6.98
CA LEU A 43 -18.20 7.60 -5.60
C LEU A 43 -18.16 6.13 -5.14
N ARG A 44 -18.63 5.22 -5.97
CA ARG A 44 -18.49 3.78 -5.70
C ARG A 44 -17.03 3.41 -5.57
N ALA A 45 -16.19 3.94 -6.44
CA ALA A 45 -14.77 3.65 -6.39
C ALA A 45 -14.16 4.09 -5.07
N TYR A 46 -14.53 5.26 -4.60
CA TYR A 46 -13.99 5.74 -3.34
C TYR A 46 -14.42 4.86 -2.19
N LEU A 47 -15.67 4.45 -2.17
CA LEU A 47 -16.12 3.55 -1.10
C LEU A 47 -15.35 2.23 -1.17
N ALA A 48 -15.17 1.72 -2.37
CA ALA A 48 -14.40 0.47 -2.52
C ALA A 48 -12.98 0.62 -2.03
N GLU A 49 -12.31 1.73 -2.32
CA GLU A 49 -10.97 1.96 -1.83
C GLU A 49 -10.93 2.08 -0.31
N PHE A 50 -11.92 2.75 0.29
CA PHE A 50 -12.02 2.84 1.73
C PHE A 50 -12.13 1.44 2.34
N ILE A 51 -13.05 0.64 1.83
CA ILE A 51 -13.29 -0.69 2.38
C ILE A 51 -12.07 -1.59 2.19
N SER A 52 -11.52 -1.63 0.99
CA SER A 52 -10.35 -2.48 0.74
C SER A 52 -9.21 -2.07 1.62
N THR A 53 -8.93 -0.79 1.77
CA THR A 53 -7.81 -0.37 2.57
C THR A 53 -8.06 -0.67 4.06
N LEU A 54 -9.26 -0.43 4.54
CA LEU A 54 -9.62 -0.78 5.91
C LEU A 54 -9.33 -2.25 6.16
N LEU A 55 -9.85 -3.14 5.31
CA LEU A 55 -9.70 -4.57 5.55
C LEU A 55 -8.27 -5.02 5.44
N PHE A 56 -7.48 -4.48 4.49
CA PHE A 56 -6.08 -4.78 4.37
C PHE A 56 -5.30 -4.40 5.61
N VAL A 57 -5.49 -3.16 6.06
CA VAL A 57 -4.74 -2.65 7.18
C VAL A 57 -5.19 -3.31 8.49
N PHE A 58 -6.47 -3.61 8.61
CA PHE A 58 -6.96 -4.30 9.81
C PHE A 58 -6.27 -5.65 9.97
N ALA A 59 -6.24 -6.44 8.90
CA ALA A 59 -5.55 -7.72 8.97
C ALA A 59 -4.06 -7.54 9.20
N GLY A 60 -3.42 -6.74 8.37
CA GLY A 60 -1.98 -6.65 8.40
C GLY A 60 -1.43 -6.09 9.70
N VAL A 61 -1.92 -4.94 10.14
CA VAL A 61 -1.54 -4.44 11.45
C VAL A 61 -1.97 -5.42 12.52
N GLY A 62 -3.15 -5.98 12.36
CA GLY A 62 -3.60 -6.96 13.33
C GLY A 62 -2.63 -8.11 13.54
N SER A 63 -1.99 -8.59 12.48
CA SER A 63 -1.04 -9.67 12.64
C SER A 63 0.15 -9.27 13.49
N ALA A 64 0.55 -8.01 13.40
CA ALA A 64 1.66 -7.50 14.23
C ALA A 64 1.23 -7.38 15.68
N ILE A 65 0.00 -6.98 15.93
CA ILE A 65 -0.50 -6.92 17.29
C ILE A 65 -0.66 -8.34 17.82
N ALA A 66 -1.12 -9.26 17.00
CA ALA A 66 -1.19 -10.65 17.41
C ALA A 66 0.15 -11.21 17.87
N TYR A 67 1.21 -10.91 17.13
CA TYR A 67 2.53 -11.33 17.52
C TYR A 67 2.90 -10.74 18.88
N ALA A 68 2.66 -9.46 19.07
CA ALA A 68 2.92 -8.81 20.36
C ALA A 68 2.14 -9.47 21.50
N LYS A 69 0.90 -9.83 21.27
CA LYS A 69 0.08 -10.50 22.28
C LYS A 69 0.69 -11.85 22.61
N LEU A 70 0.98 -12.67 21.62
CA LEU A 70 1.50 -14.01 21.84
C LEU A 70 2.83 -14.01 22.55
N THR A 71 3.65 -13.01 22.33
CA THR A 71 5.01 -13.00 22.83
C THR A 71 5.27 -12.03 23.98
N SER A 72 4.22 -11.36 24.44
CA SER A 72 4.38 -10.31 25.44
C SER A 72 5.37 -9.24 24.97
N ASP A 73 5.12 -8.75 23.76
CA ASP A 73 5.85 -7.62 23.23
C ASP A 73 7.31 -7.93 23.03
N ALA A 74 7.62 -9.12 22.52
CA ALA A 74 8.98 -9.41 22.17
C ALA A 74 9.41 -8.69 20.93
N ALA A 75 10.71 -8.51 20.79
CA ALA A 75 11.28 -8.13 19.50
C ALA A 75 10.83 -9.12 18.43
N LEU A 76 10.75 -8.63 17.21
CA LEU A 76 10.38 -9.45 16.06
C LEU A 76 11.36 -10.59 15.90
N ASP A 77 10.86 -11.78 15.65
CA ASP A 77 11.63 -12.95 15.31
C ASP A 77 11.17 -13.50 13.96
N THR A 78 11.79 -14.57 13.51
CA THR A 78 11.51 -15.07 12.18
C THR A 78 10.11 -15.63 12.04
N PRO A 79 9.59 -16.42 13.00
CA PRO A 79 8.18 -16.79 12.92
C PRO A 79 7.27 -15.60 12.80
N GLY A 80 7.50 -14.56 13.59
CA GLY A 80 6.70 -13.36 13.54
C GLY A 80 6.77 -12.67 12.18
N LEU A 81 7.96 -12.57 11.62
CA LEU A 81 8.11 -11.97 10.31
C LEU A 81 7.32 -12.74 9.26
N VAL A 82 7.36 -14.06 9.31
CA VAL A 82 6.59 -14.89 8.41
C VAL A 82 5.11 -14.67 8.58
N ALA A 83 4.63 -14.67 9.81
CA ALA A 83 3.24 -14.44 10.08
C ALA A 83 2.77 -13.12 9.48
N ILE A 84 3.51 -12.06 9.75
CA ILE A 84 3.15 -10.73 9.31
C ILE A 84 3.22 -10.59 7.77
N ALA A 85 4.25 -11.17 7.16
CA ALA A 85 4.41 -11.11 5.70
C ALA A 85 3.30 -11.88 5.00
N VAL A 86 3.01 -13.07 5.46
CA VAL A 86 1.97 -13.90 4.87
C VAL A 86 0.63 -13.24 5.03
N CYS A 87 0.34 -12.69 6.21
CA CYS A 87 -0.90 -12.01 6.45
C CYS A 87 -1.06 -10.86 5.46
N HIS A 88 -0.04 -10.01 5.36
CA HIS A 88 -0.13 -8.87 4.43
C HIS A 88 -0.30 -9.35 2.98
N GLY A 89 0.46 -10.35 2.56
CA GLY A 89 0.34 -10.83 1.16
C GLY A 89 -1.03 -11.37 0.86
N PHE A 90 -1.56 -12.20 1.75
CA PHE A 90 -2.91 -12.76 1.56
C PHE A 90 -3.96 -11.66 1.58
N ALA A 91 -3.92 -10.80 2.61
CA ALA A 91 -4.89 -9.74 2.76
C ALA A 91 -4.86 -8.75 1.62
N LEU A 92 -3.68 -8.41 1.12
CA LEU A 92 -3.60 -7.47 0.00
C LEU A 92 -4.12 -8.09 -1.29
N PHE A 93 -3.80 -9.36 -1.54
CA PHE A 93 -4.40 -10.09 -2.66
C PHE A 93 -5.89 -9.90 -2.65
N VAL A 94 -6.50 -10.19 -1.51
CA VAL A 94 -7.94 -10.06 -1.39
C VAL A 94 -8.42 -8.61 -1.56
N ALA A 95 -7.79 -7.69 -0.87
CA ALA A 95 -8.22 -6.28 -0.93
C ALA A 95 -8.17 -5.74 -2.35
N VAL A 96 -7.16 -6.13 -3.13
CA VAL A 96 -7.07 -5.75 -4.52
C VAL A 96 -8.18 -6.43 -5.30
N ALA A 97 -8.36 -7.72 -5.13
CA ALA A 97 -9.40 -8.46 -5.86
C ALA A 97 -10.76 -7.89 -5.66
N ILE A 98 -11.11 -7.51 -4.43
CA ILE A 98 -12.48 -7.12 -4.12
C ILE A 98 -12.74 -5.68 -4.59
N GLY A 99 -11.73 -4.92 -4.99
CA GLY A 99 -11.95 -3.64 -5.62
C GLY A 99 -11.68 -3.60 -7.09
N ALA A 100 -11.14 -4.64 -7.66
CA ALA A 100 -10.60 -4.62 -9.00
C ALA A 100 -11.60 -4.11 -10.01
N ASN A 101 -12.84 -4.54 -9.94
CA ASN A 101 -13.89 -4.17 -10.90
C ASN A 101 -14.72 -2.95 -10.51
N ILE A 102 -14.36 -2.29 -9.44
CA ILE A 102 -15.09 -1.14 -8.94
C ILE A 102 -14.20 0.10 -8.95
N SER A 103 -13.01 0.01 -8.36
CA SER A 103 -12.05 1.10 -8.30
C SER A 103 -10.76 0.80 -9.03
N GLY A 104 -10.53 -0.48 -9.35
CA GLY A 104 -9.19 -0.92 -9.74
C GLY A 104 -8.39 -1.55 -8.62
N GLY A 105 -8.86 -1.40 -7.37
CA GLY A 105 -8.16 -2.05 -6.25
C GLY A 105 -6.76 -1.56 -6.00
N HIS A 106 -6.60 -0.26 -5.79
CA HIS A 106 -5.28 0.31 -5.54
C HIS A 106 -4.82 0.07 -4.13
N VAL A 107 -5.63 0.44 -3.14
CA VAL A 107 -5.38 0.12 -1.73
C VAL A 107 -4.12 0.80 -1.17
N ASN A 108 -3.65 1.87 -1.82
CA ASN A 108 -2.29 2.31 -1.63
C ASN A 108 -2.08 3.62 -2.40
N PRO A 109 -1.80 4.70 -1.68
CA PRO A 109 -1.51 5.98 -2.35
C PRO A 109 -0.35 5.90 -3.36
N ALA A 110 0.64 5.06 -3.12
CA ALA A 110 1.75 4.95 -4.05
C ALA A 110 1.38 4.25 -5.34
N VAL A 111 0.44 3.30 -5.27
CA VAL A 111 -0.09 2.70 -6.47
C VAL A 111 -0.90 3.73 -7.27
N THR A 112 -1.78 4.44 -6.59
CA THR A 112 -2.55 5.50 -7.22
C THR A 112 -1.61 6.52 -7.88
N PHE A 113 -0.60 6.95 -7.13
CA PHE A 113 0.35 7.92 -7.68
C PHE A 113 1.11 7.39 -8.89
N GLY A 114 1.62 6.17 -8.84
CA GLY A 114 2.29 5.64 -9.98
C GLY A 114 1.41 5.47 -11.16
N LEU A 115 0.17 5.08 -10.97
CA LEU A 115 -0.80 4.99 -12.05
C LEU A 115 -1.09 6.38 -12.63
N ALA A 116 -1.21 7.40 -11.76
CA ALA A 116 -1.48 8.77 -12.23
C ALA A 116 -0.32 9.29 -13.10
N VAL A 117 0.91 8.96 -12.73
CA VAL A 117 2.10 9.38 -13.46
C VAL A 117 2.07 8.85 -14.90
N GLY A 118 1.46 7.69 -15.11
CA GLY A 118 1.31 7.10 -16.41
C GLY A 118 -0.05 7.30 -17.06
N GLY A 119 -0.81 8.25 -16.56
CA GLY A 119 -2.09 8.59 -17.15
C GLY A 119 -3.16 7.53 -16.97
N GLN A 120 -3.02 6.66 -15.98
CA GLN A 120 -4.00 5.58 -15.79
C GLN A 120 -5.16 5.90 -14.85
N ILE A 121 -5.05 7.01 -14.13
CA ILE A 121 -6.11 7.52 -13.27
C ILE A 121 -5.93 9.03 -13.31
N THR A 122 -7.00 9.79 -13.25
CA THR A 122 -6.84 11.25 -13.25
C THR A 122 -6.34 11.74 -11.88
N VAL A 123 -5.76 12.90 -11.88
CA VAL A 123 -5.24 13.47 -10.67
C VAL A 123 -6.33 13.74 -9.65
N ILE A 124 -7.44 14.32 -10.10
CA ILE A 124 -8.49 14.62 -9.15
C ILE A 124 -9.03 13.33 -8.52
N THR A 125 -9.36 12.36 -9.36
CA THR A 125 -9.83 11.07 -8.83
C THR A 125 -8.77 10.45 -7.88
N GLY A 126 -7.51 10.56 -8.27
CA GLY A 126 -6.45 10.04 -7.46
C GLY A 126 -6.35 10.67 -6.09
N VAL A 127 -6.59 11.97 -5.99
CA VAL A 127 -6.58 12.62 -4.69
C VAL A 127 -7.69 12.08 -3.80
N PHE A 128 -8.85 11.84 -4.37
CA PHE A 128 -9.93 11.29 -3.61
C PHE A 128 -9.66 9.83 -3.22
N TYR A 129 -9.00 9.06 -4.09
CA TYR A 129 -8.51 7.73 -3.68
C TYR A 129 -7.58 7.83 -2.48
N TRP A 130 -6.67 8.79 -2.48
CA TRP A 130 -5.77 8.95 -1.33
C TRP A 130 -6.59 9.17 -0.07
N ILE A 131 -7.58 10.06 -0.11
CA ILE A 131 -8.38 10.36 1.05
C ILE A 131 -9.07 9.10 1.54
N ALA A 132 -9.69 8.35 0.63
CA ALA A 132 -10.40 7.12 0.97
C ALA A 132 -9.44 6.09 1.62
N GLN A 133 -8.24 5.98 1.08
CA GLN A 133 -7.25 5.02 1.57
C GLN A 133 -6.78 5.43 2.97
N LEU A 134 -6.47 6.71 3.14
CA LEU A 134 -6.01 7.19 4.44
C LEU A 134 -7.09 7.06 5.51
N LEU A 135 -8.32 7.37 5.16
CA LEU A 135 -9.44 7.18 6.06
C LEU A 135 -9.63 5.72 6.42
N GLY A 136 -9.60 4.85 5.42
CA GLY A 136 -9.78 3.43 5.68
C GLY A 136 -8.71 2.86 6.59
N SER A 137 -7.46 3.18 6.33
CA SER A 137 -6.37 2.75 7.18
C SER A 137 -6.51 3.24 8.62
N THR A 138 -6.81 4.53 8.76
CA THR A 138 -6.98 5.11 10.09
C THR A 138 -8.11 4.44 10.85
N ALA A 139 -9.23 4.25 10.18
CA ALA A 139 -10.38 3.56 10.78
C ALA A 139 -9.95 2.17 11.28
N ALA A 140 -9.27 1.42 10.41
CA ALA A 140 -8.83 0.07 10.78
C ALA A 140 -8.05 0.14 12.08
N CYS A 141 -7.16 1.10 12.19
CA CYS A 141 -6.27 1.15 13.36
C CYS A 141 -6.99 1.53 14.65
N PHE A 142 -7.99 2.39 14.58
CA PHE A 142 -8.81 2.65 15.76
C PHE A 142 -9.68 1.45 16.10
N LEU A 143 -10.19 0.74 15.10
CA LEU A 143 -10.92 -0.49 15.39
C LEU A 143 -10.02 -1.51 16.09
N LEU A 144 -8.80 -1.68 15.60
CA LEU A 144 -7.86 -2.59 16.22
C LEU A 144 -7.61 -2.22 17.68
N LYS A 145 -7.35 -0.95 17.95
CA LYS A 145 -7.11 -0.52 19.32
C LYS A 145 -8.24 -0.98 20.22
N TYR A 146 -9.46 -0.86 19.75
CA TYR A 146 -10.59 -1.31 20.55
C TYR A 146 -10.61 -2.82 20.68
N VAL A 147 -10.70 -3.54 19.57
CA VAL A 147 -11.00 -4.95 19.65
C VAL A 147 -9.91 -5.79 20.30
N THR A 148 -8.68 -5.30 20.29
CA THR A 148 -7.59 -5.99 20.97
C THR A 148 -7.49 -5.69 22.48
N GLY A 149 -8.39 -4.86 23.00
CA GLY A 149 -8.40 -4.51 24.41
C GLY A 149 -7.39 -3.44 24.73
N GLY A 150 -7.11 -2.59 23.76
CA GLY A 150 -6.32 -1.42 24.00
C GLY A 150 -4.82 -1.57 23.81
N LEU A 151 -4.40 -2.60 23.08
CA LEU A 151 -3.00 -2.78 22.85
C LEU A 151 -2.48 -1.68 21.93
N ALA A 152 -1.18 -1.45 22.01
CA ALA A 152 -0.53 -0.46 21.16
C ALA A 152 -0.63 -0.84 19.69
N VAL A 153 -0.89 0.17 18.86
CA VAL A 153 -0.86 -0.03 17.42
C VAL A 153 0.55 0.28 16.92
N PRO A 154 1.25 -0.74 16.42
CA PRO A 154 2.65 -0.51 16.05
C PRO A 154 2.77 0.35 14.80
N THR A 155 3.84 1.11 14.76
CA THR A 155 4.19 1.96 13.64
C THR A 155 5.39 1.43 12.90
N HIS A 156 5.46 1.69 11.60
CA HIS A 156 6.65 1.44 10.82
C HIS A 156 7.75 2.40 11.23
N SER A 157 8.94 1.85 11.39
CA SER A 157 10.15 2.65 11.66
C SER A 157 11.34 1.96 11.05
N VAL A 158 12.34 2.78 10.71
CA VAL A 158 13.59 2.26 10.25
C VAL A 158 14.36 1.67 11.44
N ALA A 159 15.00 0.54 11.21
CA ALA A 159 15.65 -0.20 12.28
C ALA A 159 16.63 0.70 13.03
N ALA A 160 16.80 0.41 14.31
CA ALA A 160 17.68 1.18 15.14
C ALA A 160 19.07 1.23 14.56
N GLY A 161 19.61 2.45 14.45
CA GLY A 161 20.94 2.61 13.94
C GLY A 161 21.05 2.77 12.42
N LEU A 162 20.04 2.30 11.69
CA LEU A 162 20.11 2.30 10.24
C LEU A 162 19.72 3.68 9.73
N GLY A 163 20.43 4.18 8.73
CA GLY A 163 20.17 5.52 8.25
C GLY A 163 18.83 5.68 7.56
N SER A 164 18.33 6.90 7.57
CA SER A 164 17.07 7.21 6.92
C SER A 164 17.16 7.10 5.40
N ILE A 165 18.32 7.39 4.81
CA ILE A 165 18.43 7.26 3.37
C ILE A 165 18.38 5.81 2.96
N GLU A 166 19.02 4.97 3.76
CA GLU A 166 18.95 3.53 3.51
C GLU A 166 17.49 3.08 3.57
N GLY A 167 16.76 3.55 4.57
CA GLY A 167 15.36 3.21 4.67
C GLY A 167 14.55 3.71 3.49
N VAL A 168 14.77 4.96 3.07
CA VAL A 168 14.09 5.50 1.90
C VAL A 168 14.42 4.68 0.66
N VAL A 169 15.69 4.37 0.41
CA VAL A 169 16.07 3.65 -0.79
C VAL A 169 15.47 2.24 -0.79
N MET A 170 15.46 1.59 0.37
CA MET A 170 14.76 0.30 0.51
CA MET A 170 14.80 0.31 0.43
C MET A 170 13.33 0.44 0.03
N GLU A 171 12.61 1.41 0.59
CA GLU A 171 11.21 1.66 0.23
C GLU A 171 11.02 2.02 -1.24
N ILE A 172 11.96 2.75 -1.85
CA ILE A 172 11.90 3.01 -3.27
C ILE A 172 11.90 1.69 -4.05
N ILE A 173 12.83 0.82 -3.73
CA ILE A 173 13.01 -0.41 -4.48
C ILE A 173 11.79 -1.31 -4.36
N ILE A 174 11.35 -1.55 -3.13
CA ILE A 174 10.24 -2.48 -2.91
C ILE A 174 8.90 -1.92 -3.41
N THR A 175 8.73 -0.61 -3.37
CA THR A 175 7.52 0.00 -3.89
C THR A 175 7.53 0.05 -5.40
N PHE A 176 8.70 0.30 -5.99
CA PHE A 176 8.87 0.13 -7.44
C PHE A 176 8.40 -1.26 -7.87
N ALA A 177 8.84 -2.29 -7.13
CA ALA A 177 8.45 -3.66 -7.46
C ALA A 177 6.92 -3.76 -7.48
N LEU A 178 6.28 -3.28 -6.43
CA LEU A 178 4.83 -3.38 -6.32
C LEU A 178 4.14 -2.67 -7.50
N VAL A 179 4.49 -1.41 -7.73
CA VAL A 179 3.79 -0.63 -8.72
C VAL A 179 4.08 -1.14 -10.16
N TYR A 180 5.30 -1.59 -10.40
CA TYR A 180 5.63 -2.21 -11.65
C TYR A 180 4.75 -3.44 -11.88
N THR A 181 4.55 -4.24 -10.83
CA THR A 181 3.67 -5.41 -10.90
C THR A 181 2.24 -5.03 -11.23
N VAL A 182 1.73 -3.98 -10.60
CA VAL A 182 0.42 -3.48 -10.94
C VAL A 182 0.33 -3.09 -12.41
N TYR A 183 1.32 -2.39 -12.93
CA TYR A 183 1.32 -2.04 -14.34
C TYR A 183 1.34 -3.28 -15.23
N ALA A 184 2.23 -4.21 -14.97
CA ALA A 184 2.48 -5.31 -15.86
C ALA A 184 1.33 -6.28 -15.90
N THR A 185 0.64 -6.47 -14.78
CA THR A 185 -0.36 -7.49 -14.68
C THR A 185 -1.79 -6.97 -14.75
N ALA A 186 -2.00 -5.70 -14.40
CA ALA A 186 -3.35 -5.12 -14.31
C ALA A 186 -3.58 -3.93 -15.23
N ALA A 187 -2.60 -3.06 -15.46
CA ALA A 187 -2.85 -1.86 -16.28
C ALA A 187 -2.60 -2.10 -17.75
N ASP A 188 -1.57 -2.87 -18.07
CA ASP A 188 -1.11 -3.01 -19.47
C ASP A 188 -2.26 -3.61 -20.29
N PRO A 189 -2.61 -2.99 -21.45
CA PRO A 189 -3.69 -3.55 -22.27
C PRO A 189 -3.37 -4.93 -22.80
N LYS A 190 -2.07 -5.24 -22.91
CA LYS A 190 -1.63 -6.54 -23.40
C LYS A 190 -1.45 -7.57 -22.28
N LYS A 191 -2.00 -7.30 -21.09
CA LYS A 191 -1.84 -8.20 -19.95
C LYS A 191 -2.29 -9.63 -20.25
N GLY A 192 -3.35 -9.77 -21.06
CA GLY A 192 -3.89 -11.11 -21.35
C GLY A 192 -4.18 -11.89 -20.09
N SER A 193 -3.72 -13.14 -20.00
CA SER A 193 -4.06 -14.00 -18.86
C SER A 193 -3.46 -13.48 -17.55
N LEU A 194 -2.46 -12.61 -17.60
CA LEU A 194 -1.96 -12.01 -16.37
C LEU A 194 -3.07 -11.32 -15.63
N GLY A 195 -4.07 -10.78 -16.33
CA GLY A 195 -5.12 -10.06 -15.66
C GLY A 195 -5.85 -10.93 -14.64
N THR A 196 -5.99 -12.21 -14.92
CA THR A 196 -6.66 -13.11 -14.00
C THR A 196 -5.93 -13.30 -12.69
N ILE A 197 -4.62 -13.39 -12.77
CA ILE A 197 -3.81 -13.61 -11.58
C ILE A 197 -3.26 -12.33 -10.99
N ALA A 198 -3.55 -11.18 -11.57
CA ALA A 198 -2.96 -9.92 -11.13
C ALA A 198 -3.15 -9.68 -9.62
N PRO A 199 -4.36 -9.84 -9.07
CA PRO A 199 -4.49 -9.53 -7.65
C PRO A 199 -3.51 -10.37 -6.80
N LEU A 200 -3.32 -11.61 -7.18
CA LEU A 200 -2.45 -12.50 -6.45
C LEU A 200 -0.98 -12.10 -6.60
N ALA A 201 -0.55 -11.70 -7.79
CA ALA A 201 0.81 -11.19 -7.96
C ALA A 201 1.03 -9.94 -7.11
N ILE A 202 0.06 -9.03 -7.13
CA ILE A 202 0.19 -7.80 -6.41
C ILE A 202 0.28 -8.06 -4.90
N GLY A 203 -0.55 -8.96 -4.38
CA GLY A 203 -0.47 -9.30 -2.95
C GLY A 203 0.85 -9.97 -2.63
N LEU A 204 1.31 -10.95 -3.48
CA LEU A 204 2.41 -11.75 -3.02
C LEU A 204 3.77 -11.09 -3.24
N ILE A 205 3.83 -10.03 -4.07
CA ILE A 205 5.06 -9.22 -4.08
C ILE A 205 5.21 -8.45 -2.77
N VAL A 206 4.11 -8.00 -2.20
CA VAL A 206 4.19 -7.34 -0.90
C VAL A 206 4.60 -8.33 0.17
N GLY A 207 4.03 -9.53 0.17
CA GLY A 207 4.48 -10.54 1.10
C GLY A 207 5.95 -10.86 1.01
N ALA A 208 6.43 -11.07 -0.22
CA ALA A 208 7.83 -11.36 -0.43
C ALA A 208 8.70 -10.25 0.08
N ASN A 209 8.33 -9.01 -0.26
CA ASN A 209 9.15 -7.87 0.09
C ASN A 209 9.15 -7.57 1.55
N ILE A 210 8.12 -7.95 2.31
CA ILE A 210 8.17 -7.81 3.77
C ILE A 210 9.18 -8.81 4.36
N LEU A 211 9.28 -10.00 3.81
CA LEU A 211 10.25 -10.99 4.25
C LEU A 211 11.68 -10.48 4.12
N ALA A 212 11.93 -9.60 3.16
CA ALA A 212 13.24 -8.95 2.99
C ALA A 212 13.38 -7.71 3.84
N ALA A 213 12.41 -6.82 3.74
CA ALA A 213 12.53 -5.45 4.26
C ALA A 213 12.04 -5.26 5.68
N GLY A 214 11.26 -6.20 6.21
CA GLY A 214 10.66 -6.04 7.54
C GLY A 214 11.64 -5.57 8.59
N PRO A 215 12.79 -6.24 8.74
CA PRO A 215 13.72 -5.84 9.81
C PRO A 215 14.53 -4.60 9.52
N PHE A 216 14.36 -3.96 8.37
CA PHE A 216 15.13 -2.80 7.97
C PHE A 216 14.27 -1.56 7.90
N SER A 217 13.33 -1.46 7.01
CA SER A 217 12.37 -0.34 6.94
C SER A 217 10.99 -0.67 7.53
N GLY A 218 10.71 -1.94 7.78
CA GLY A 218 9.36 -2.39 8.09
C GLY A 218 8.60 -2.94 6.90
N GLY A 219 9.06 -2.64 5.68
CA GLY A 219 8.40 -3.17 4.53
C GLY A 219 7.01 -2.59 4.33
N SER A 220 6.93 -1.29 4.14
CA SER A 220 5.69 -0.62 3.99
C SER A 220 5.12 -0.69 2.59
N MET A 221 5.82 -0.09 1.62
CA MET A 221 5.36 0.05 0.25
C MET A 221 4.10 0.86 0.11
N ASN A 222 3.62 1.53 1.17
CA ASN A 222 2.23 1.96 1.19
C ASN A 222 2.04 3.05 2.22
N PRO A 223 1.96 4.32 1.76
CA PRO A 223 1.87 5.43 2.70
C PRO A 223 0.66 5.34 3.61
N ALA A 224 -0.46 4.83 3.10
CA ALA A 224 -1.68 4.70 3.93
C ALA A 224 -1.51 3.65 5.01
N ARG A 225 -0.95 2.50 4.66
CA ARG A 225 -0.66 1.45 5.65
C ARG A 225 0.18 2.00 6.78
N SER A 226 1.13 2.88 6.49
CA SER A 226 1.98 3.47 7.51
C SER A 226 1.27 4.60 8.26
N PHE A 227 0.44 5.36 7.57
CA PHE A 227 -0.18 6.53 8.15
C PHE A 227 -1.20 6.20 9.23
N GLY A 228 -2.09 5.23 9.01
CA GLY A 228 -3.06 4.83 10.01
C GLY A 228 -2.47 4.61 11.37
N PRO A 229 -1.40 3.80 11.45
CA PRO A 229 -0.79 3.56 12.74
C PRO A 229 -0.18 4.82 13.34
N ALA A 230 0.45 5.67 12.52
CA ALA A 230 1.02 6.94 13.02
C ALA A 230 -0.08 7.79 13.70
N VAL A 231 -1.27 7.84 13.10
CA VAL A 231 -2.38 8.57 13.73
C VAL A 231 -2.78 7.88 15.03
N ALA A 232 -3.05 6.57 14.98
CA ALA A 232 -3.58 5.86 16.12
C ALA A 232 -2.60 5.81 17.29
N ALA A 233 -1.31 5.79 17.01
CA ALA A 233 -0.29 5.80 18.05
C ALA A 233 0.18 7.21 18.45
N GLY A 234 -0.35 8.21 17.75
CA GLY A 234 0.08 9.59 17.91
C GLY A 234 1.59 9.76 17.82
N ASP A 235 2.17 9.27 16.73
CA ASP A 235 3.61 9.27 16.57
C ASP A 235 4.00 9.32 15.12
N PHE A 236 4.39 10.50 14.68
CA PHE A 236 4.84 10.73 13.31
C PHE A 236 6.34 10.82 13.16
N SER A 237 7.06 10.38 14.18
CA SER A 237 8.53 10.37 14.12
C SER A 237 9.02 9.45 13.02
N GLY A 238 9.78 9.99 12.07
CA GLY A 238 10.31 9.18 10.97
C GLY A 238 9.30 8.89 9.86
N HIS A 239 8.06 9.34 10.01
CA HIS A 239 6.97 8.88 9.13
C HIS A 239 7.16 9.34 7.69
N TRP A 240 7.90 10.43 7.51
CA TRP A 240 8.15 10.95 6.18
C TRP A 240 8.78 9.92 5.24
N VAL A 241 9.59 9.02 5.79
CA VAL A 241 10.22 7.97 4.98
C VAL A 241 9.18 7.19 4.15
N TYR A 242 8.02 6.98 4.73
CA TYR A 242 7.00 6.12 4.16
C TYR A 242 6.08 6.86 3.21
N TRP A 243 6.37 8.16 2.98
CA TRP A 243 5.83 8.93 1.85
C TRP A 243 6.87 9.11 0.76
N VAL A 244 8.06 9.57 1.14
CA VAL A 244 9.10 9.85 0.18
C VAL A 244 9.52 8.57 -0.57
N GLY A 245 9.84 7.52 0.17
CA GLY A 245 10.31 6.29 -0.48
C GLY A 245 9.26 5.66 -1.40
N PRO A 246 8.05 5.43 -0.87
CA PRO A 246 7.04 4.80 -1.72
C PRO A 246 6.59 5.65 -2.90
N LEU A 247 6.43 6.96 -2.71
CA LEU A 247 6.02 7.81 -3.83
C LEU A 247 7.09 7.83 -4.90
N ILE A 248 8.36 7.93 -4.53
CA ILE A 248 9.40 7.90 -5.55
C ILE A 248 9.44 6.56 -6.27
N GLY A 249 9.38 5.46 -5.54
CA GLY A 249 9.34 4.15 -6.20
C GLY A 249 8.17 3.98 -7.13
N GLY A 250 6.99 4.33 -6.66
CA GLY A 250 5.81 4.23 -7.47
C GLY A 250 5.83 5.11 -8.70
N GLY A 251 6.34 6.32 -8.52
CA GLY A 251 6.49 7.24 -9.65
C GLY A 251 7.50 6.73 -10.66
N LEU A 252 8.60 6.16 -10.22
CA LEU A 252 9.59 5.64 -11.14
CA LEU A 252 9.60 5.62 -11.11
C LEU A 252 9.03 4.44 -11.91
N ALA A 253 8.24 3.59 -11.26
CA ALA A 253 7.62 2.47 -11.95
C ALA A 253 6.67 2.99 -13.04
N GLY A 254 5.86 3.99 -12.70
CA GLY A 254 4.96 4.57 -13.70
C GLY A 254 5.69 5.17 -14.90
N LEU A 255 6.78 5.88 -14.61
CA LEU A 255 7.57 6.47 -15.69
C LEU A 255 8.18 5.40 -16.58
N ILE A 256 8.80 4.38 -16.01
CA ILE A 256 9.47 3.34 -16.78
C ILE A 256 8.45 2.49 -17.51
N TYR A 257 7.50 1.90 -16.79
CA TYR A 257 6.62 0.98 -17.48
C TYR A 257 5.78 1.74 -18.51
N GLY A 258 5.28 2.91 -18.11
CA GLY A 258 4.36 3.65 -18.98
C GLY A 258 5.02 4.11 -20.26
N ASN A 259 6.29 4.49 -20.18
CA ASN A 259 6.94 5.00 -21.36
C ASN A 259 7.66 3.93 -22.19
N VAL A 260 8.06 2.82 -21.58
CA VAL A 260 8.82 1.80 -22.28
C VAL A 260 7.94 0.64 -22.74
N PHE A 261 7.05 0.19 -21.87
CA PHE A 261 6.38 -1.09 -22.09
C PHE A 261 4.91 -0.90 -22.46
N MET A 262 4.41 0.30 -22.21
CA MET A 262 3.20 0.81 -22.81
C MET A 262 3.47 1.99 -23.73
N GLY A 263 4.74 2.18 -24.07
CA GLY A 263 5.14 3.18 -25.05
C GLY A 263 6.44 2.79 -25.74
#